data_2OZN
#
_entry.id   2OZN
#
_cell.length_a   35.487
_cell.length_b   74.590
_cell.length_c   94.791
_cell.angle_alpha   90.00
_cell.angle_beta   90.00
_cell.angle_gamma   90.00
#
_symmetry.space_group_name_H-M   'P 21 21 21'
#
loop_
_entity.id
_entity.type
_entity.pdbx_description
1 polymer 'O-GlcNAcase nagJ'
2 polymer Hyalurononglucosaminidase
3 non-polymer 'CHLORIDE ION'
4 non-polymer 'CALCIUM ION'
5 water water
#
loop_
_entity_poly.entity_id
_entity_poly.type
_entity_poly.pdbx_seq_one_letter_code
_entity_poly.pdbx_strand_id
1 'polypeptide(L)'
;MGSSHHHHHHSSGLVPRGSHMASKLKENAEVTGSVSLEALEEVQVGENLEVGVGIDELVNAEAFAYDFTLNYDENAFEYV
EAISDDGVFVNAKKIEDGKVRVLVSSLTGEPLPAKEVLAKVVLRAEAKAEGSNLSVTNSSVGDGEGLVHEIAGTEKTVNI
IEGTS
;
A
2 'polypeptide(L)'
;MDKTNLGELINQGKSLLDESVEGFNVGEYHKGAKDGLTVEINKAEEVFNKEDATEEEINLAKESLEGAIARFNSLLIEES
TGDFNGNGKIDIGDLAMVSKNIGSTTNTSLDLNKDGSIDEYEISFINHRILNLEHHHHHH
;
B
#
loop_
_chem_comp.id
_chem_comp.type
_chem_comp.name
_chem_comp.formula
CA non-polymer 'CALCIUM ION' 'Ca 2'
CL non-polymer 'CHLORIDE ION' 'Cl -1'
#
# COMPACT_ATOMS: atom_id res chain seq x y z
N GLU A 30 12.86 11.89 22.45
CA GLU A 30 13.07 10.44 22.72
C GLU A 30 11.76 9.64 22.70
N VAL A 31 11.59 8.81 21.68
CA VAL A 31 10.34 8.10 21.49
C VAL A 31 10.42 6.70 22.08
N THR A 32 9.42 6.32 22.88
CA THR A 32 9.28 4.99 23.40
C THR A 32 7.86 4.52 23.13
N GLY A 33 7.67 3.21 23.17
CA GLY A 33 6.33 2.70 23.04
C GLY A 33 6.33 1.21 23.22
N SER A 34 5.14 0.63 23.20
CA SER A 34 5.02 -0.80 23.36
C SER A 34 3.79 -1.35 22.66
N VAL A 35 3.94 -2.59 22.17
CA VAL A 35 2.88 -3.34 21.51
C VAL A 35 1.86 -3.86 22.52
N SER A 36 0.60 -3.95 22.09
CA SER A 36 -0.38 -4.73 22.82
C SER A 36 -0.73 -6.01 22.08
N LEU A 37 -0.99 -7.06 22.85
CA LEU A 37 -1.26 -8.38 22.30
C LEU A 37 -2.35 -9.04 23.14
N GLU A 38 -3.45 -9.44 22.50
CA GLU A 38 -4.51 -10.15 23.20
C GLU A 38 -4.99 -11.36 22.41
N ALA A 39 -5.29 -12.44 23.12
CA ALA A 39 -5.87 -13.62 22.52
C ALA A 39 -6.47 -14.48 23.64
N LEU A 40 -7.36 -15.39 23.25
CA LEU A 40 -7.80 -16.44 24.18
C LEU A 40 -6.60 -17.21 24.71
N GLU A 41 -6.69 -17.61 25.98
CA GLU A 41 -5.63 -18.38 26.62
C GLU A 41 -5.66 -19.86 26.27
N GLU A 42 -6.81 -20.32 25.74
CA GLU A 42 -6.98 -21.73 25.38
C GLU A 42 -8.01 -21.87 24.27
N VAL A 43 -7.66 -22.69 23.28
CA VAL A 43 -8.52 -22.98 22.13
C VAL A 43 -8.43 -24.49 21.91
N GLN A 44 -9.32 -25.03 21.10
CA GLN A 44 -9.21 -26.45 20.76
C GLN A 44 -8.81 -26.64 19.31
N VAL A 45 -8.24 -27.80 19.00
CA VAL A 45 -7.93 -28.14 17.62
C VAL A 45 -9.17 -27.89 16.76
N GLY A 46 -8.96 -27.18 15.65
CA GLY A 46 -10.00 -26.87 14.67
C GLY A 46 -10.71 -25.54 14.89
N GLU A 47 -10.36 -24.86 15.98
CA GLU A 47 -10.94 -23.57 16.33
C GLU A 47 -9.96 -22.47 15.91
N ASN A 48 -10.52 -21.33 15.48
CA ASN A 48 -9.70 -20.17 15.11
C ASN A 48 -9.23 -19.47 16.37
N LEU A 49 -8.04 -18.87 16.30
CA LEU A 49 -7.56 -17.99 17.34
C LEU A 49 -7.31 -16.66 16.68
N GLU A 50 -8.08 -15.64 17.09
CA GLU A 50 -7.84 -14.30 16.57
C GLU A 50 -6.87 -13.61 17.52
N VAL A 51 -5.72 -13.21 16.99
CA VAL A 51 -4.70 -12.61 17.83
C VAL A 51 -4.76 -11.10 17.56
N GLY A 52 -5.20 -10.35 18.57
CA GLY A 52 -5.42 -8.92 18.41
C GLY A 52 -4.20 -8.13 18.81
N VAL A 53 -3.68 -7.35 17.85
CA VAL A 53 -2.47 -6.55 18.03
C VAL A 53 -2.77 -5.06 17.92
N GLY A 54 -2.17 -4.28 18.82
CA GLY A 54 -2.35 -2.82 18.81
C GLY A 54 -1.17 -2.11 19.42
N ILE A 55 -1.37 -0.87 19.82
CA ILE A 55 -0.32 -0.07 20.43
C ILE A 55 -0.74 0.23 21.87
N ASP A 56 -0.01 -0.32 22.83
CA ASP A 56 -0.34 -0.12 24.23
C ASP A 56 -0.04 1.31 24.61
N GLU A 57 1.10 1.80 24.13
CA GLU A 57 1.53 3.13 24.48
C GLU A 57 2.52 3.63 23.46
N LEU A 58 2.46 4.92 23.19
CA LEU A 58 3.45 5.56 22.32
C LEU A 58 3.69 6.95 22.89
N VAL A 59 4.97 7.22 23.23
CA VAL A 59 5.35 8.47 23.91
C VAL A 59 6.22 9.34 23.01
N ASN A 60 5.84 10.62 22.87
CA ASN A 60 6.60 11.60 22.08
C ASN A 60 6.49 11.43 20.56
N ALA A 61 5.51 10.66 20.11
CA ALA A 61 5.20 10.53 18.69
C ALA A 61 3.77 10.07 18.49
N GLU A 62 3.25 10.28 17.29
CA GLU A 62 1.93 9.75 16.91
C GLU A 62 2.16 8.76 15.77
N ALA A 63 1.30 7.75 15.67
CA ALA A 63 1.52 6.75 14.62
C ALA A 63 0.39 6.80 13.63
N PHE A 64 0.71 7.00 12.36
CA PHE A 64 -0.31 6.83 11.31
C PHE A 64 -0.21 5.48 10.61
N ALA A 65 0.95 4.82 10.75
CA ALA A 65 1.09 3.44 10.27
C ALA A 65 1.96 2.63 11.22
N TYR A 66 1.82 1.31 11.12
CA TYR A 66 2.39 0.38 12.11
C TYR A 66 2.79 -0.91 11.40
N ASP A 67 4.01 -1.35 11.66
CA ASP A 67 4.62 -2.50 11.00
C ASP A 67 5.00 -3.45 12.12
N PHE A 68 4.48 -4.67 12.10
CA PHE A 68 4.90 -5.63 13.13
C PHE A 68 4.93 -7.04 12.58
N THR A 69 5.62 -7.91 13.30
CA THR A 69 5.71 -9.32 12.91
C THR A 69 5.16 -10.17 14.03
N LEU A 70 4.22 -11.07 13.70
CA LEU A 70 3.70 -12.02 14.68
C LEU A 70 4.39 -13.36 14.49
N ASN A 71 4.92 -13.89 15.58
CA ASN A 71 5.59 -15.19 15.58
C ASN A 71 4.75 -16.20 16.33
N TYR A 72 4.61 -17.41 15.76
CA TYR A 72 3.80 -18.46 16.36
C TYR A 72 4.45 -19.79 15.98
N ASP A 73 3.97 -20.88 16.57
CA ASP A 73 4.52 -22.21 16.28
C ASP A 73 3.67 -22.88 15.21
N GLU A 74 4.27 -23.09 14.03
CA GLU A 74 3.56 -23.72 12.92
C GLU A 74 3.19 -25.18 13.23
N ASN A 75 3.86 -25.80 14.20
CA ASN A 75 3.42 -27.12 14.65
C ASN A 75 2.07 -27.12 15.36
N ALA A 76 1.68 -25.95 15.87
CA ALA A 76 0.45 -25.77 16.63
C ALA A 76 -0.64 -25.08 15.82
N PHE A 77 -0.26 -24.06 15.05
CA PHE A 77 -1.24 -23.26 14.31
C PHE A 77 -0.86 -23.12 12.84
N GLU A 78 -1.86 -22.86 12.01
CA GLU A 78 -1.63 -22.39 10.65
C GLU A 78 -2.08 -20.94 10.58
N TYR A 79 -1.45 -20.17 9.70
CA TYR A 79 -1.85 -18.78 9.45
C TYR A 79 -2.98 -18.74 8.42
N VAL A 80 -4.06 -18.04 8.77
CA VAL A 80 -5.23 -17.91 7.87
C VAL A 80 -5.24 -16.56 7.10
N GLU A 81 -5.37 -15.46 7.83
CA GLU A 81 -5.49 -14.13 7.23
C GLU A 81 -5.34 -13.08 8.30
N ALA A 82 -5.37 -11.80 7.90
CA ALA A 82 -5.40 -10.69 8.86
C ALA A 82 -6.61 -9.81 8.60
N ILE A 83 -7.27 -9.36 9.65
CA ILE A 83 -8.49 -8.58 9.51
C ILE A 83 -8.42 -7.30 10.29
N SER A 84 -9.31 -6.36 9.98
CA SER A 84 -9.37 -5.11 10.71
C SER A 84 -10.77 -4.51 10.62
N ASP A 85 -11.04 -3.53 11.49
CA ASP A 85 -12.31 -2.77 11.51
C ASP A 85 -12.12 -1.54 10.58
N ASP A 86 -13.18 -0.86 10.16
CA ASP A 86 -13.05 -0.01 8.95
C ASP A 86 -12.25 1.32 9.03
N GLY A 87 -11.79 1.71 10.22
CA GLY A 87 -10.93 2.90 10.33
C GLY A 87 -9.46 2.64 9.99
N VAL A 88 -9.15 1.39 9.69
CA VAL A 88 -7.76 0.93 9.48
C VAL A 88 -7.70 0.04 8.25
N PHE A 89 -6.60 0.18 7.50
CA PHE A 89 -6.27 -0.67 6.36
C PHE A 89 -5.20 -1.65 6.80
N VAL A 90 -5.42 -2.95 6.54
CA VAL A 90 -4.44 -3.99 6.92
C VAL A 90 -4.05 -4.87 5.73
N ASN A 91 -2.76 -5.12 5.57
CA ASN A 91 -2.25 -6.12 4.63
C ASN A 91 -1.23 -6.91 5.40
N ALA A 92 -1.15 -8.21 5.10
CA ALA A 92 -0.19 -9.05 5.79
C ALA A 92 0.38 -10.05 4.81
N LYS A 93 1.57 -10.54 5.09
CA LYS A 93 2.17 -11.57 4.27
C LYS A 93 3.00 -12.51 5.13
N LYS A 94 2.80 -13.81 4.96
CA LYS A 94 3.65 -14.80 5.60
C LYS A 94 5.10 -14.68 5.11
N ILE A 95 6.04 -14.68 6.05
CA ILE A 95 7.45 -14.65 5.74
C ILE A 95 7.96 -16.08 5.64
N GLU A 96 7.64 -16.87 6.65
CA GLU A 96 8.00 -18.29 6.70
C GLU A 96 7.03 -18.91 7.66
N ASP A 97 7.08 -20.23 7.80
CA ASP A 97 6.20 -20.88 8.76
C ASP A 97 6.47 -20.30 10.12
N GLY A 98 5.38 -19.96 10.81
CA GLY A 98 5.48 -19.34 12.14
C GLY A 98 5.79 -17.85 12.17
N LYS A 99 5.78 -17.20 11.01
CA LYS A 99 6.18 -15.78 10.99
C LYS A 99 5.36 -14.98 9.97
N VAL A 100 4.59 -14.01 10.45
CA VAL A 100 3.74 -13.22 9.54
C VAL A 100 3.97 -11.72 9.78
N ARG A 101 4.24 -11.01 8.69
CA ARG A 101 4.44 -9.54 8.76
C ARG A 101 3.12 -8.85 8.45
N VAL A 102 2.81 -7.82 9.26
CA VAL A 102 1.54 -7.13 9.15
C VAL A 102 1.76 -5.63 9.08
N LEU A 103 1.07 -4.98 8.14
CA LEU A 103 1.09 -3.54 8.04
C LEU A 103 -0.30 -2.99 8.30
N VAL A 104 -0.34 -2.01 9.20
CA VAL A 104 -1.59 -1.32 9.59
C VAL A 104 -1.45 0.18 9.30
N SER A 105 -2.47 0.79 8.70
CA SER A 105 -2.46 2.24 8.45
C SER A 105 -3.84 2.86 8.68
N SER A 106 -3.87 4.10 9.13
CA SER A 106 -5.13 4.76 9.41
C SER A 106 -5.80 5.25 8.14
N LEU A 107 -7.12 5.12 8.09
CA LEU A 107 -7.91 5.64 6.97
C LEU A 107 -8.69 6.87 7.43
N THR A 108 -8.50 7.28 8.69
CA THR A 108 -9.38 8.28 9.32
C THR A 108 -8.92 9.72 9.21
N GLY A 109 -7.68 9.91 8.72
CA GLY A 109 -7.02 11.22 8.80
C GLY A 109 -6.48 11.55 10.18
N GLU A 110 -6.70 10.66 11.14
CA GLU A 110 -6.27 10.82 12.53
C GLU A 110 -5.27 9.71 12.84
N PRO A 111 -4.38 9.93 13.83
CA PRO A 111 -3.45 8.83 14.16
C PRO A 111 -4.18 7.54 14.56
N LEU A 112 -3.49 6.41 14.45
CA LEU A 112 -3.97 5.16 15.01
C LEU A 112 -4.11 5.35 16.52
N PRO A 113 -5.24 4.94 17.11
CA PRO A 113 -5.39 5.10 18.55
C PRO A 113 -4.61 4.04 19.30
N ALA A 114 -4.20 4.37 20.51
CA ALA A 114 -3.66 3.41 21.46
C ALA A 114 -4.78 2.72 22.21
N LYS A 115 -4.44 1.61 22.86
CA LYS A 115 -5.38 0.87 23.72
C LYS A 115 -6.61 0.32 22.97
N GLU A 116 -6.40 -0.03 21.71
CA GLU A 116 -7.44 -0.66 20.90
C GLU A 116 -6.77 -1.70 20.02
N VAL A 117 -7.48 -2.79 19.74
CA VAL A 117 -6.98 -3.74 18.75
C VAL A 117 -7.02 -3.07 17.38
N LEU A 118 -5.88 -3.08 16.69
CA LEU A 118 -5.79 -2.43 15.38
C LEU A 118 -5.91 -3.45 14.27
N ALA A 119 -5.31 -4.63 14.47
CA ALA A 119 -5.41 -5.71 13.49
C ALA A 119 -5.57 -7.02 14.23
N LYS A 120 -6.29 -7.96 13.63
CA LYS A 120 -6.32 -9.31 14.18
C LYS A 120 -5.73 -10.28 13.20
N VAL A 121 -4.78 -11.07 13.69
CA VAL A 121 -4.18 -12.13 12.87
C VAL A 121 -4.94 -13.38 13.20
N VAL A 122 -5.56 -13.99 12.19
CA VAL A 122 -6.37 -15.18 12.41
C VAL A 122 -5.47 -16.37 12.20
N LEU A 123 -5.28 -17.15 13.26
CA LEU A 123 -4.61 -18.43 13.22
C LEU A 123 -5.68 -19.51 13.35
N ARG A 124 -5.35 -20.72 12.95
CA ARG A 124 -6.28 -21.84 13.15
C ARG A 124 -5.50 -22.94 13.88
N ALA A 125 -6.07 -23.42 14.99
CA ALA A 125 -5.43 -24.47 15.80
C ALA A 125 -5.44 -25.78 15.02
N GLU A 126 -4.26 -26.39 14.86
CA GLU A 126 -4.11 -27.63 14.08
C GLU A 126 -3.72 -28.85 14.94
N ALA A 127 -3.04 -28.60 16.06
CA ALA A 127 -2.53 -29.67 16.93
C ALA A 127 -2.39 -29.26 18.38
N LYS A 128 -2.57 -30.20 19.29
CA LYS A 128 -2.43 -29.89 20.73
C LYS A 128 -1.05 -29.32 21.04
N ALA A 129 -1.02 -28.36 21.97
CA ALA A 129 0.22 -27.72 22.39
C ALA A 129 0.04 -27.09 23.75
N GLU A 130 1.08 -27.16 24.58
CA GLU A 130 1.07 -26.51 25.88
C GLU A 130 2.01 -25.32 25.91
N GLY A 131 1.51 -24.17 26.39
CA GLY A 131 2.31 -22.98 26.57
C GLY A 131 2.94 -22.50 25.28
N SER A 132 2.15 -22.55 24.22
CA SER A 132 2.62 -22.18 22.90
C SER A 132 2.79 -20.69 22.82
N ASN A 133 3.91 -20.25 22.29
CA ASN A 133 4.26 -18.84 22.38
C ASN A 133 3.71 -18.04 21.21
N LEU A 134 3.16 -16.87 21.52
CA LEU A 134 2.77 -15.90 20.51
C LEU A 134 3.59 -14.67 20.84
N SER A 135 4.40 -14.19 19.90
CA SER A 135 5.18 -12.99 20.19
C SER A 135 5.12 -12.00 19.04
N VAL A 136 5.09 -10.73 19.40
CA VAL A 136 5.16 -9.68 18.40
C VAL A 136 6.55 -9.08 18.49
N THR A 137 7.22 -9.04 17.35
CA THR A 137 8.58 -8.53 17.25
C THR A 137 8.72 -7.58 16.06
N ASN A 138 9.90 -6.98 15.91
CA ASN A 138 10.23 -6.16 14.74
C ASN A 138 9.16 -5.08 14.52
N SER A 139 8.79 -4.38 15.61
CA SER A 139 7.64 -3.50 15.61
C SER A 139 8.08 -2.06 15.53
N SER A 140 7.51 -1.32 14.59
CA SER A 140 7.82 0.10 14.44
C SER A 140 6.59 0.85 13.92
N VAL A 141 6.60 2.16 14.11
CA VAL A 141 5.52 3.01 13.63
C VAL A 141 6.08 4.13 12.77
N GLY A 142 5.24 4.67 11.90
CA GLY A 142 5.61 5.88 11.16
C GLY A 142 4.71 7.02 11.60
N ASP A 143 5.29 8.22 11.68
CA ASP A 143 4.53 9.41 12.06
C ASP A 143 4.02 10.19 10.83
N GLY A 144 3.27 11.27 11.01
CA GLY A 144 2.71 12.01 9.85
C GLY A 144 3.74 12.56 8.86
N GLU A 145 4.95 12.79 9.36
CA GLU A 145 6.04 13.36 8.58
C GLU A 145 6.96 12.29 8.01
N GLY A 146 6.59 11.03 8.23
CA GLY A 146 7.28 9.91 7.62
C GLY A 146 8.48 9.42 8.41
N LEU A 147 8.60 9.89 9.65
CA LEU A 147 9.69 9.45 10.53
C LEU A 147 9.30 8.12 11.17
N VAL A 148 10.27 7.23 11.31
CA VAL A 148 9.99 5.89 11.84
C VAL A 148 10.56 5.77 13.25
N HIS A 149 9.82 5.10 14.12
CA HIS A 149 10.30 4.83 15.48
C HIS A 149 10.04 3.39 15.85
N GLU A 150 11.02 2.79 16.52
CA GLU A 150 10.86 1.42 17.04
C GLU A 150 10.01 1.42 18.27
N ILE A 151 9.23 0.36 18.46
CA ILE A 151 8.52 0.19 19.72
C ILE A 151 8.73 -1.25 20.24
N ALA A 152 8.61 -1.43 21.54
CA ALA A 152 8.94 -2.69 22.19
C ALA A 152 7.86 -3.73 21.93
N GLY A 153 8.30 -4.96 21.65
CA GLY A 153 7.37 -6.05 21.43
C GLY A 153 6.83 -6.64 22.71
N THR A 154 6.04 -7.70 22.56
CA THR A 154 5.50 -8.40 23.73
C THR A 154 5.19 -9.85 23.35
N GLU A 155 4.85 -10.66 24.33
CA GLU A 155 4.55 -12.08 24.11
C GLU A 155 3.51 -12.57 25.10
N LYS A 156 2.77 -13.56 24.66
CA LYS A 156 1.95 -14.33 25.58
C LYS A 156 1.87 -15.76 25.12
N THR A 157 1.32 -16.62 25.97
CA THR A 157 1.19 -18.04 25.61
C THR A 157 -0.27 -18.44 25.45
N VAL A 158 -0.45 -19.54 24.75
CA VAL A 158 -1.78 -20.09 24.50
C VAL A 158 -1.67 -21.62 24.54
N ASN A 159 -2.70 -22.26 25.10
CA ASN A 159 -2.81 -23.72 25.06
C ASN A 159 -3.79 -24.18 24.00
N ILE A 160 -3.46 -25.26 23.30
CA ILE A 160 -4.40 -25.87 22.39
C ILE A 160 -4.73 -27.25 22.95
N ILE A 161 -6.01 -27.46 23.19
CA ILE A 161 -6.51 -28.74 23.69
C ILE A 161 -7.17 -29.55 22.57
N GLU A 162 -7.35 -30.84 22.80
CA GLU A 162 -8.08 -31.69 21.88
C GLU A 162 -9.56 -31.32 21.90
N ASP B 2 -1.34 18.83 -43.87
CA ASP B 2 -0.27 17.84 -43.52
C ASP B 2 -0.48 17.25 -42.12
N LYS B 3 -0.67 15.94 -42.09
CA LYS B 3 -0.93 15.25 -40.82
C LYS B 3 0.13 14.22 -40.46
N THR B 4 1.25 14.22 -41.19
CA THR B 4 2.31 13.24 -40.94
C THR B 4 2.72 13.18 -39.45
N ASN B 5 3.04 14.33 -38.87
CA ASN B 5 3.54 14.34 -37.48
C ASN B 5 2.47 13.95 -36.48
N LEU B 6 1.23 14.35 -36.75
CA LEU B 6 0.11 13.93 -35.90
C LEU B 6 -0.03 12.41 -35.92
N GLY B 7 0.05 11.83 -37.11
CA GLY B 7 0.00 10.36 -37.26
C GLY B 7 1.17 9.66 -36.59
N GLU B 8 2.35 10.27 -36.69
CA GLU B 8 3.51 9.73 -36.00
C GLU B 8 3.32 9.72 -34.47
N LEU B 9 2.76 10.79 -33.93
CA LEU B 9 2.47 10.82 -32.48
C LEU B 9 1.39 9.77 -32.10
N ILE B 10 0.37 9.61 -32.93
CA ILE B 10 -0.65 8.59 -32.70
C ILE B 10 0.00 7.21 -32.63
N ASN B 11 0.92 6.93 -33.56
CA ASN B 11 1.59 5.65 -33.58
C ASN B 11 2.53 5.46 -32.38
N GLN B 12 3.17 6.54 -31.93
CA GLN B 12 3.93 6.49 -30.69
C GLN B 12 3.03 6.08 -29.53
N GLY B 13 1.85 6.68 -29.45
CA GLY B 13 0.91 6.37 -28.38
C GLY B 13 0.46 4.93 -28.39
N LYS B 14 0.11 4.43 -29.57
CA LYS B 14 -0.33 3.04 -29.73
C LYS B 14 0.80 2.08 -29.37
N SER B 15 2.02 2.41 -29.77
CA SER B 15 3.14 1.58 -29.38
C SER B 15 3.32 1.51 -27.86
N LEU B 16 3.17 2.65 -27.18
CA LEU B 16 3.20 2.65 -25.71
C LEU B 16 2.15 1.74 -25.11
N LEU B 17 0.93 1.80 -25.65
CA LEU B 17 -0.13 0.89 -25.20
C LEU B 17 0.20 -0.57 -25.43
N ASP B 18 0.71 -0.89 -26.63
CA ASP B 18 1.04 -2.27 -27.00
C ASP B 18 2.05 -2.90 -26.04
N GLU B 19 2.97 -2.07 -25.54
CA GLU B 19 4.15 -2.52 -24.81
C GLU B 19 4.01 -2.48 -23.29
N SER B 20 2.91 -1.94 -22.79
CA SER B 20 2.77 -1.60 -21.38
C SER B 20 1.77 -2.48 -20.64
N VAL B 21 2.00 -2.66 -19.34
CA VAL B 21 1.06 -3.37 -18.50
C VAL B 21 0.88 -2.57 -17.22
N GLU B 22 -0.34 -2.63 -16.69
CA GLU B 22 -0.71 -1.94 -15.45
C GLU B 22 -0.59 -2.87 -14.27
N GLY B 23 -0.13 -2.33 -13.15
CA GLY B 23 0.05 -3.16 -11.96
C GLY B 23 0.72 -2.39 -10.86
N PHE B 24 1.30 -3.12 -9.91
CA PHE B 24 1.91 -2.50 -8.73
C PHE B 24 3.44 -2.62 -8.75
N ASN B 25 3.98 -3.35 -9.73
CA ASN B 25 5.39 -3.67 -9.77
C ASN B 25 6.23 -2.70 -10.60
N VAL B 26 7.52 -2.64 -10.28
CA VAL B 26 8.48 -1.80 -11.00
C VAL B 26 8.45 -2.16 -12.50
N GLY B 27 8.32 -1.14 -13.36
CA GLY B 27 8.26 -1.35 -14.81
C GLY B 27 6.84 -1.40 -15.33
N GLU B 28 5.88 -1.56 -14.42
CA GLU B 28 4.46 -1.46 -14.75
C GLU B 28 3.97 -0.02 -14.59
N TYR B 29 2.72 0.24 -14.98
CA TYR B 29 2.12 1.56 -14.89
C TYR B 29 0.95 1.54 -13.92
N HIS B 30 0.72 2.67 -13.25
CA HIS B 30 -0.42 2.76 -12.32
C HIS B 30 -1.73 2.52 -13.04
N LYS B 31 -2.62 1.80 -12.36
CA LYS B 31 -3.99 1.58 -12.82
C LYS B 31 -4.59 2.86 -13.41
N GLY B 32 -5.14 2.74 -14.61
CA GLY B 32 -5.77 3.86 -15.28
C GLY B 32 -4.92 4.54 -16.35
N ALA B 33 -3.60 4.35 -16.28
CA ALA B 33 -2.68 4.99 -17.22
C ALA B 33 -3.03 4.67 -18.67
N LYS B 34 -3.29 3.40 -18.96
CA LYS B 34 -3.61 2.98 -20.32
C LYS B 34 -4.96 3.53 -20.79
N ASP B 35 -6.00 3.49 -19.94
CA ASP B 35 -7.30 4.12 -20.27
C ASP B 35 -7.15 5.61 -20.63
N GLY B 36 -6.42 6.36 -19.79
CA GLY B 36 -6.19 7.77 -20.01
C GLY B 36 -5.54 8.06 -21.34
N LEU B 37 -4.49 7.29 -21.67
CA LEU B 37 -3.78 7.49 -22.93
C LEU B 37 -4.70 7.14 -24.11
N THR B 38 -5.51 6.10 -23.95
CA THR B 38 -6.46 5.70 -25.01
C THR B 38 -7.46 6.81 -25.34
N VAL B 39 -8.02 7.44 -24.31
CA VAL B 39 -8.93 8.57 -24.52
C VAL B 39 -8.24 9.65 -25.36
N GLU B 40 -6.98 9.94 -25.05
CA GLU B 40 -6.26 10.99 -25.78
C GLU B 40 -5.87 10.59 -27.19
N ILE B 41 -5.51 9.33 -27.39
CA ILE B 41 -5.22 8.86 -28.73
C ILE B 41 -6.46 8.98 -29.60
N ASN B 42 -7.62 8.61 -29.05
CA ASN B 42 -8.86 8.73 -29.82
C ASN B 42 -9.17 10.16 -30.17
N LYS B 43 -8.93 11.10 -29.26
CA LYS B 43 -9.12 12.53 -29.60
C LYS B 43 -8.25 12.90 -30.79
N ALA B 44 -6.99 12.49 -30.74
CA ALA B 44 -6.05 12.79 -31.81
C ALA B 44 -6.46 12.11 -33.12
N GLU B 45 -6.96 10.88 -33.00
CA GLU B 45 -7.39 10.08 -34.15
C GLU B 45 -8.52 10.81 -34.89
N GLU B 46 -9.41 11.43 -34.13
CA GLU B 46 -10.56 12.12 -34.71
C GLU B 46 -10.11 13.25 -35.63
N VAL B 47 -9.16 14.05 -35.15
CA VAL B 47 -8.55 15.13 -35.94
C VAL B 47 -7.78 14.55 -37.14
N PHE B 48 -7.02 13.49 -36.90
CA PHE B 48 -6.25 12.83 -37.94
C PHE B 48 -7.12 12.40 -39.12
N ASN B 49 -8.33 11.93 -38.82
CA ASN B 49 -9.14 11.35 -39.88
C ASN B 49 -9.76 12.33 -40.87
N LYS B 50 -9.01 12.54 -41.94
CA LYS B 50 -9.42 13.22 -43.18
C LYS B 50 -10.13 14.56 -42.99
N GLU B 51 -11.08 14.81 -43.89
CA GLU B 51 -11.94 16.00 -43.89
C GLU B 51 -11.13 17.30 -43.88
N ASP B 52 -11.70 18.34 -43.30
CA ASP B 52 -11.17 19.69 -43.42
C ASP B 52 -10.55 20.23 -42.14
N ALA B 53 -9.81 19.38 -41.42
CA ALA B 53 -9.09 19.81 -40.23
C ALA B 53 -8.12 20.92 -40.62
N THR B 54 -8.19 22.04 -39.92
CA THR B 54 -7.30 23.17 -40.18
C THR B 54 -5.93 22.90 -39.54
N GLU B 55 -4.91 23.59 -40.02
CA GLU B 55 -3.56 23.41 -39.46
C GLU B 55 -3.48 23.72 -37.96
N GLU B 56 -4.34 24.62 -37.49
CA GLU B 56 -4.40 24.89 -36.05
C GLU B 56 -5.06 23.76 -35.25
N GLU B 57 -6.08 23.14 -35.83
CA GLU B 57 -6.71 21.96 -35.22
C GLU B 57 -5.68 20.83 -35.09
N ILE B 58 -4.88 20.66 -36.13
CA ILE B 58 -3.85 19.63 -36.19
C ILE B 58 -2.77 19.95 -35.16
N ASN B 59 -2.39 21.22 -35.05
CA ASN B 59 -1.40 21.63 -34.07
C ASN B 59 -1.84 21.46 -32.62
N LEU B 60 -3.08 21.84 -32.32
CA LEU B 60 -3.65 21.62 -30.99
C LEU B 60 -3.69 20.13 -30.64
N ALA B 61 -4.03 19.31 -31.63
CA ALA B 61 -4.11 17.85 -31.43
C ALA B 61 -2.75 17.24 -31.14
N LYS B 62 -1.74 17.67 -31.88
CA LYS B 62 -0.36 17.26 -31.63
C LYS B 62 0.09 17.63 -30.21
N GLU B 63 -0.23 18.85 -29.81
CA GLU B 63 0.12 19.37 -28.51
C GLU B 63 -0.55 18.56 -27.41
N SER B 64 -1.85 18.29 -27.56
CA SER B 64 -2.59 17.56 -26.54
C SER B 64 -2.08 16.13 -26.43
N LEU B 65 -1.85 15.48 -27.58
CA LEU B 65 -1.36 14.11 -27.57
C LEU B 65 0.08 14.03 -27.00
N GLU B 66 0.92 15.01 -27.33
CA GLU B 66 2.26 15.05 -26.72
C GLU B 66 2.19 15.13 -25.19
N GLY B 67 1.27 15.96 -24.68
CA GLY B 67 1.00 16.07 -23.24
C GLY B 67 0.52 14.76 -22.65
N ALA B 68 -0.33 14.06 -23.41
CA ALA B 68 -0.84 12.76 -22.99
C ALA B 68 0.26 11.69 -22.90
N ILE B 69 1.17 11.72 -23.87
CA ILE B 69 2.32 10.82 -23.86
C ILE B 69 3.19 11.10 -22.63
N ALA B 70 3.44 12.38 -22.36
CA ALA B 70 4.20 12.77 -21.15
C ALA B 70 3.55 12.28 -19.86
N ARG B 71 2.23 12.43 -19.78
CA ARG B 71 1.46 12.00 -18.61
C ARG B 71 1.56 10.47 -18.46
N PHE B 72 1.37 9.76 -19.57
CA PHE B 72 1.53 8.29 -19.53
C PHE B 72 2.90 7.89 -18.98
N ASN B 73 3.95 8.49 -19.52
CA ASN B 73 5.31 8.13 -19.09
C ASN B 73 5.55 8.42 -17.61
N SER B 74 4.92 9.50 -17.12
CA SER B 74 5.02 9.92 -15.71
C SER B 74 4.35 8.92 -14.74
N LEU B 75 3.55 8.02 -15.30
CA LEU B 75 2.84 7.01 -14.52
C LEU B 75 3.56 5.65 -14.47
N LEU B 76 4.80 5.65 -14.96
CA LEU B 76 5.67 4.48 -14.89
C LEU B 76 6.09 4.29 -13.45
N ILE B 77 5.98 3.06 -12.96
CA ILE B 77 6.44 2.75 -11.60
C ILE B 77 7.95 2.48 -11.64
N GLU B 78 8.69 3.25 -10.85
CA GLU B 78 10.14 3.15 -10.76
C GLU B 78 10.55 2.59 -9.40
N GLU B 79 11.81 2.18 -9.28
CA GLU B 79 12.34 1.65 -8.02
C GLU B 79 12.01 2.53 -6.82
N SER B 80 12.17 3.84 -7.01
CA SER B 80 12.00 4.84 -5.96
C SER B 80 10.56 5.34 -5.77
N THR B 81 9.63 4.90 -6.62
CA THR B 81 8.23 5.32 -6.51
C THR B 81 7.67 4.91 -5.16
N GLY B 82 7.23 5.90 -4.41
CA GLY B 82 6.67 5.67 -3.08
C GLY B 82 7.69 5.83 -1.96
N ASP B 83 8.93 6.14 -2.31
CA ASP B 83 9.94 6.52 -1.33
C ASP B 83 9.91 8.04 -1.18
N PHE B 84 9.06 8.54 -0.27
CA PHE B 84 8.72 9.97 -0.24
C PHE B 84 9.72 10.89 0.45
N ASN B 85 10.17 10.50 1.63
CA ASN B 85 11.19 11.26 2.36
C ASN B 85 12.51 11.17 1.60
N GLY B 86 12.57 10.24 0.65
CA GLY B 86 13.73 10.07 -0.23
C GLY B 86 14.94 9.57 0.52
N ASN B 87 14.73 8.55 1.37
CA ASN B 87 15.82 7.98 2.17
C ASN B 87 16.31 6.62 1.64
N GLY B 88 15.93 6.31 0.39
CA GLY B 88 16.47 5.15 -0.31
C GLY B 88 15.73 3.84 -0.14
N LYS B 89 14.69 3.84 0.69
CA LYS B 89 13.85 2.64 0.84
C LYS B 89 12.37 2.96 1.09
N ILE B 90 11.51 2.01 0.77
CA ILE B 90 10.07 2.20 1.00
C ILE B 90 9.68 1.44 2.27
N ASP B 91 9.19 2.17 3.27
CA ASP B 91 8.92 1.56 4.57
C ASP B 91 7.71 2.17 5.24
N ILE B 92 7.49 1.80 6.51
CA ILE B 92 6.30 2.25 7.22
C ILE B 92 6.19 3.77 7.38
N GLY B 93 7.32 4.49 7.30
CA GLY B 93 7.30 5.95 7.33
C GLY B 93 6.62 6.48 6.08
N ASP B 94 6.92 5.87 4.93
CA ASP B 94 6.29 6.29 3.67
C ASP B 94 4.79 6.00 3.70
N LEU B 95 4.42 4.84 4.22
CA LEU B 95 2.98 4.51 4.38
C LEU B 95 2.30 5.52 5.30
N ALA B 96 2.99 5.87 6.38
CA ALA B 96 2.44 6.87 7.30
C ALA B 96 2.23 8.25 6.66
N MET B 97 3.12 8.64 5.75
CA MET B 97 2.94 9.92 5.06
C MET B 97 1.66 9.93 4.22
N VAL B 98 1.42 8.83 3.50
CA VAL B 98 0.17 8.71 2.72
C VAL B 98 -1.04 8.79 3.66
N SER B 99 -1.00 8.02 4.75
CA SER B 99 -2.10 8.01 5.71
C SER B 99 -2.41 9.38 6.29
N LYS B 100 -1.39 10.06 6.77
CA LYS B 100 -1.57 11.40 7.33
C LYS B 100 -2.21 12.34 6.30
N ASN B 101 -1.84 12.14 5.04
CA ASN B 101 -2.28 13.03 3.97
C ASN B 101 -3.50 12.54 3.20
N ILE B 102 -4.19 11.53 3.73
CA ILE B 102 -5.39 11.05 3.06
C ILE B 102 -6.38 12.20 2.87
N GLY B 103 -6.88 12.32 1.64
CA GLY B 103 -7.82 13.38 1.30
C GLY B 103 -7.15 14.64 0.80
N SER B 104 -5.83 14.72 0.88
CA SER B 104 -5.13 15.94 0.42
C SER B 104 -5.26 16.13 -1.09
N THR B 105 -5.46 17.38 -1.50
CA THR B 105 -5.50 17.73 -2.91
C THR B 105 -4.31 18.65 -3.23
N THR B 106 -3.42 18.78 -2.26
CA THR B 106 -2.31 19.74 -2.35
C THR B 106 -0.94 19.05 -2.34
N ASN B 107 -0.93 17.76 -2.06
CA ASN B 107 0.28 16.96 -1.98
C ASN B 107 0.53 16.22 -3.29
N THR B 108 1.01 16.96 -4.29
CA THR B 108 1.19 16.41 -5.64
C THR B 108 2.58 15.82 -5.86
N SER B 109 3.15 15.22 -4.81
CA SER B 109 4.27 14.28 -4.92
C SER B 109 3.82 12.93 -4.34
N LEU B 110 2.81 12.97 -3.48
CA LEU B 110 2.25 11.76 -2.86
C LEU B 110 1.17 11.12 -3.73
N ASP B 111 0.73 11.85 -4.76
CA ASP B 111 -0.37 11.40 -5.60
C ASP B 111 0.15 10.53 -6.73
N LEU B 112 0.43 9.27 -6.40
CA LEU B 112 1.10 8.34 -7.31
C LEU B 112 0.38 8.08 -8.64
N ASN B 113 -0.93 7.84 -8.60
CA ASN B 113 -1.72 7.65 -9.83
C ASN B 113 -2.19 8.96 -10.48
N LYS B 114 -1.79 10.09 -9.91
CA LYS B 114 -1.99 11.42 -10.50
C LYS B 114 -3.46 11.72 -10.81
N ASP B 115 -4.35 11.28 -9.92
CA ASP B 115 -5.79 11.46 -10.11
C ASP B 115 -6.35 12.67 -9.34
N GLY B 116 -5.47 13.38 -8.64
CA GLY B 116 -5.83 14.59 -7.95
C GLY B 116 -6.02 14.51 -6.46
N SER B 117 -5.97 13.30 -5.89
CA SER B 117 -6.08 13.17 -4.44
C SER B 117 -5.35 11.95 -3.89
N ILE B 118 -5.19 11.95 -2.57
CA ILE B 118 -4.52 10.85 -1.86
C ILE B 118 -5.62 9.97 -1.25
N ASP B 119 -5.68 8.71 -1.67
CA ASP B 119 -6.71 7.82 -1.14
C ASP B 119 -6.24 6.37 -1.03
N GLU B 120 -7.17 5.43 -1.01
CA GLU B 120 -6.82 4.03 -0.82
C GLU B 120 -5.92 3.46 -1.92
N TYR B 121 -5.91 4.07 -3.10
CA TYR B 121 -4.96 3.61 -4.12
C TYR B 121 -3.52 3.70 -3.59
N GLU B 122 -3.15 4.87 -3.08
CA GLU B 122 -1.78 5.08 -2.62
C GLU B 122 -1.45 4.16 -1.44
N ILE B 123 -2.42 4.00 -0.56
CA ILE B 123 -2.30 3.06 0.57
C ILE B 123 -2.01 1.65 0.06
N SER B 124 -2.84 1.19 -0.87
CA SER B 124 -2.70 -0.15 -1.44
C SER B 124 -1.34 -0.32 -2.13
N PHE B 125 -0.92 0.70 -2.88
CA PHE B 125 0.37 0.64 -3.58
C PHE B 125 1.52 0.45 -2.60
N ILE B 126 1.54 1.27 -1.55
CA ILE B 126 2.66 1.26 -0.62
C ILE B 126 2.68 -0.06 0.16
N ASN B 127 1.52 -0.54 0.61
CA ASN B 127 1.42 -1.87 1.27
C ASN B 127 2.01 -2.96 0.38
N HIS B 128 1.61 -2.94 -0.89
CA HIS B 128 2.13 -3.94 -1.83
C HIS B 128 3.65 -3.88 -1.98
N ARG B 129 4.20 -2.66 -2.15
CA ARG B 129 5.65 -2.51 -2.38
C ARG B 129 6.45 -2.95 -1.15
N ILE B 130 5.97 -2.57 0.04
CA ILE B 130 6.69 -2.96 1.26
C ILE B 130 6.75 -4.48 1.42
N LEU B 131 5.64 -5.16 1.14
CA LEU B 131 5.56 -6.59 1.43
C LEU B 131 6.08 -7.47 0.32
N ASN B 132 6.27 -6.88 -0.86
CA ASN B 132 6.74 -7.63 -2.03
C ASN B 132 8.04 -7.04 -2.56
CL CL C . 7.71 -6.26 11.19
CA CA D . -4.22 9.37 -6.09
CA CA E . 11.35 6.12 2.52
#